data_6MHI
#
_entry.id   6MHI
#
_cell.length_a   65.970
_cell.length_b   65.970
_cell.length_c   40.420
_cell.angle_alpha   90.000
_cell.angle_beta   90.000
_cell.angle_gamma   120.000
#
_symmetry.space_group_name_H-M   'P 63'
#
loop_
_entity.id
_entity.type
_entity.pdbx_description
1 polymer 'Photoactive yellow protein'
2 non-polymer '(2E)-3-(3,5-dichloro-4-hydroxyphenyl)prop-2-enoic acid'
3 water water
#
_entity_poly.entity_id   1
_entity_poly.type   'polypeptide(L)'
_entity_poly.pdbx_seq_one_letter_code
;MEHVAFGSEDIENTLAKMDDGQLDGLAFGAIQLDGDGNILQYNAAEGDITGRDPKQVIGKNFFKDVAPCTDSPEFYGKFK
EGVASGNLNTMFEYTFDYQMTPTKVKVHMKKALSGDSYWVFVKRV
;
_entity_poly.pdbx_strand_id   A
#
# COMPACT_ATOMS: atom_id res chain seq x y z
N MET A 1 -9.45 -17.30 1.21
CA MET A 1 -8.73 -16.25 0.40
C MET A 1 -9.71 -15.50 -0.53
N GLU A 2 -9.58 -14.17 -0.58
CA GLU A 2 -10.22 -13.34 -1.61
C GLU A 2 -9.41 -13.55 -2.86
N HIS A 3 -10.04 -13.88 -3.98
CA HIS A 3 -9.27 -14.24 -5.18
C HIS A 3 -9.10 -13.08 -6.14
N VAL A 4 -8.04 -12.33 -5.87
CA VAL A 4 -7.66 -11.17 -6.66
C VAL A 4 -6.15 -11.28 -6.86
N ALA A 5 -5.70 -11.12 -8.09
CA ALA A 5 -4.26 -11.19 -8.36
C ALA A 5 -3.61 -9.81 -8.25
N PHE A 6 -2.44 -9.78 -7.66
CA PHE A 6 -1.55 -8.61 -7.66
C PHE A 6 -1.42 -8.09 -9.08
N GLY A 7 -1.61 -6.76 -9.22
CA GLY A 7 -1.44 -6.15 -10.53
C GLY A 7 -2.61 -6.22 -11.45
N SER A 8 -3.73 -6.76 -11.01
CA SER A 8 -4.90 -6.87 -11.89
C SER A 8 -5.39 -5.48 -12.32
N GLU A 9 -5.83 -5.41 -13.57
CA GLU A 9 -6.15 -4.13 -14.19
C GLU A 9 -7.32 -3.41 -13.50
N ASP A 10 -8.24 -4.20 -12.94
CA ASP A 10 -9.46 -3.67 -12.26
C ASP A 10 -9.43 -3.79 -10.76
N ILE A 11 -8.22 -3.88 -10.20
CA ILE A 11 -8.07 -4.13 -8.78
C ILE A 11 -8.80 -3.12 -7.92
N GLU A 12 -8.81 -1.86 -8.34
CA GLU A 12 -9.49 -0.79 -7.57
C GLU A 12 -10.99 -1.01 -7.52
N ASN A 13 -11.56 -1.61 -8.58
CA ASN A 13 -13.01 -1.92 -8.56
C ASN A 13 -13.27 -3.08 -7.62
N THR A 14 -12.46 -4.12 -7.73
CA THR A 14 -12.62 -5.29 -6.89
C THR A 14 -12.46 -4.98 -5.41
N LEU A 15 -11.46 -4.18 -5.05
CA LEU A 15 -11.21 -3.87 -3.63
C LEU A 15 -12.15 -2.84 -3.06
N ALA A 16 -12.91 -2.14 -3.91
CA ALA A 16 -13.87 -1.13 -3.42
C ALA A 16 -14.92 -1.74 -2.48
N LYS A 17 -15.24 -3.03 -2.64
CA LYS A 17 -16.24 -3.73 -1.80
C LYS A 17 -15.73 -4.24 -0.45
N MET A 18 -14.42 -4.17 -0.24
CA MET A 18 -13.80 -4.84 0.88
C MET A 18 -13.68 -3.96 2.13
N ASP A 19 -14.29 -4.45 3.21
CA ASP A 19 -14.02 -3.94 4.55
C ASP A 19 -12.65 -4.47 5.00
N ASP A 20 -12.22 -4.07 6.20
CA ASP A 20 -10.90 -4.46 6.70
C ASP A 20 -10.75 -6.00 6.70
N GLY A 21 -11.80 -6.73 7.07
CA GLY A 21 -11.80 -8.20 7.05
C GLY A 21 -11.61 -8.86 5.69
N GLN A 22 -12.29 -8.37 4.66
CA GLN A 22 -12.08 -8.93 3.31
C GLN A 22 -10.67 -8.65 2.83
N LEU A 23 -10.18 -7.44 3.09
CA LEU A 23 -8.83 -7.10 2.70
C LEU A 23 -7.79 -8.07 3.29
N ASP A 24 -8.08 -8.56 4.49
CA ASP A 24 -7.19 -9.50 5.14
C ASP A 24 -7.15 -10.86 4.43
N GLY A 25 -8.10 -11.13 3.53
CA GLY A 25 -8.09 -12.33 2.73
C GLY A 25 -7.25 -12.29 1.47
N LEU A 26 -6.58 -11.17 1.18
CA LEU A 26 -5.81 -11.06 -0.06
C LEU A 26 -4.47 -11.78 0.04
N ALA A 27 -3.97 -12.20 -1.11
CA ALA A 27 -2.66 -12.89 -1.20
C ALA A 27 -1.47 -11.97 -1.07
N PHE A 28 -1.71 -10.68 -1.13
CA PHE A 28 -0.68 -9.65 -1.15
C PHE A 28 -1.02 -8.57 -0.17
N GLY A 29 0.01 -7.80 0.21
CA GLY A 29 -0.18 -6.70 1.10
C GLY A 29 -0.97 -5.59 0.43
N ALA A 30 -1.84 -4.98 1.21
CA ALA A 30 -2.62 -3.87 0.73
C ALA A 30 -2.76 -2.85 1.82
N ILE A 31 -2.41 -1.62 1.48
CA ILE A 31 -2.49 -0.44 2.33
C ILE A 31 -3.32 0.58 1.59
N GLN A 32 -4.23 1.25 2.28
CA GLN A 32 -4.87 2.42 1.71
C GLN A 32 -4.40 3.63 2.45
N LEU A 33 -3.98 4.64 1.70
CA LEU A 33 -3.47 5.89 2.20
C LEU A 33 -4.41 7.00 1.74
N ASP A 34 -4.54 8.02 2.58
CA ASP A 34 -5.13 9.28 2.07
C ASP A 34 -4.09 10.05 1.30
N GLY A 35 -4.49 11.17 0.73
CA GLY A 35 -3.58 11.97 -0.10
C GLY A 35 -2.37 12.53 0.60
N ASP A 36 -2.47 12.63 1.93
CA ASP A 36 -1.35 13.05 2.77
C ASP A 36 -0.49 11.89 3.23
N GLY A 37 -0.84 10.65 2.84
CA GLY A 37 -0.05 9.53 3.26
C GLY A 37 -0.40 8.95 4.62
N ASN A 38 -1.55 9.34 5.16
CA ASN A 38 -2.01 8.72 6.39
C ASN A 38 -2.61 7.37 6.08
N ILE A 39 -2.38 6.40 6.95
CA ILE A 39 -2.82 5.02 6.72
C ILE A 39 -4.28 4.84 7.14
N LEU A 40 -5.12 4.51 6.17
CA LEU A 40 -6.55 4.25 6.36
C LEU A 40 -6.89 2.79 6.58
N GLN A 41 -6.18 1.92 5.85
CA GLN A 41 -6.38 0.49 5.91
C GLN A 41 -5.04 -0.16 5.73
N TYR A 42 -4.88 -1.35 6.31
CA TYR A 42 -3.61 -2.04 6.28
C TYR A 42 -3.93 -3.51 6.55
N ASN A 43 -3.64 -4.42 5.61
CA ASN A 43 -4.14 -5.76 5.76
C ASN A 43 -3.15 -6.72 6.40
N ALA A 44 -3.65 -7.93 6.65
CA ALA A 44 -2.89 -8.93 7.35
C ALA A 44 -1.70 -9.37 6.55
N ALA A 45 -1.85 -9.50 5.24
CA ALA A 45 -0.73 -9.97 4.40
C ALA A 45 0.41 -8.95 4.48
N GLU A 46 0.08 -7.64 4.55
CA GLU A 46 1.11 -6.62 4.66
C GLU A 46 1.84 -6.77 5.98
N GLY A 47 1.09 -6.95 7.06
CA GLY A 47 1.69 -7.19 8.35
C GLY A 47 2.63 -8.38 8.36
N ASP A 48 2.29 -9.42 7.60
CA ASP A 48 3.17 -10.57 7.51
C ASP A 48 4.49 -10.20 6.80
N ILE A 49 4.42 -9.35 5.78
CA ILE A 49 5.61 -8.93 5.05
C ILE A 49 6.49 -8.05 5.92
N THR A 50 5.90 -7.13 6.69
CA THR A 50 6.65 -6.07 7.33
C THR A 50 6.83 -6.31 8.82
N GLY A 51 6.08 -7.23 9.40
CA GLY A 51 6.06 -7.48 10.86
C GLY A 51 5.21 -6.50 11.64
N ARG A 52 4.71 -5.43 11.03
CA ARG A 52 3.90 -4.48 11.81
C ARG A 52 2.52 -5.02 12.10
N ASP A 53 1.93 -4.57 13.19
CA ASP A 53 0.59 -4.95 13.56
C ASP A 53 -0.37 -4.04 12.82
N PRO A 54 -1.20 -4.60 11.92
CA PRO A 54 -2.10 -3.75 11.12
C PRO A 54 -2.93 -2.77 11.89
N LYS A 55 -3.42 -3.17 13.07
CA LYS A 55 -4.31 -2.28 13.79
C LYS A 55 -3.53 -1.05 14.33
N GLN A 56 -2.24 -1.22 14.65
CA GLN A 56 -1.46 -0.15 15.25
C GLN A 56 -0.99 0.89 14.29
N VAL A 57 -0.83 0.54 13.03
CA VAL A 57 -0.32 1.49 12.06
C VAL A 57 -1.45 2.34 11.46
N ILE A 58 -2.71 1.93 11.59
CA ILE A 58 -3.77 2.73 11.01
C ILE A 58 -3.76 4.08 11.73
N GLY A 59 -3.82 5.15 10.96
CA GLY A 59 -3.80 6.50 11.51
C GLY A 59 -2.42 7.09 11.51
N LYS A 60 -1.38 6.30 11.30
CA LYS A 60 -0.03 6.84 11.26
C LYS A 60 0.32 7.40 9.89
N ASN A 61 1.33 8.27 9.86
CA ASN A 61 1.77 8.81 8.59
C ASN A 61 2.81 7.88 8.01
N PHE A 62 2.49 7.33 6.86
CA PHE A 62 3.33 6.35 6.22
C PHE A 62 4.71 6.89 5.87
N PHE A 63 4.78 8.05 5.24
CA PHE A 63 6.07 8.56 4.73
C PHE A 63 6.94 9.20 5.79
N LYS A 64 6.31 9.75 6.82
CA LYS A 64 7.03 10.45 7.87
C LYS A 64 7.47 9.48 8.95
N ASP A 65 6.58 8.58 9.34
CA ASP A 65 6.81 7.78 10.55
C ASP A 65 6.99 6.28 10.31
N VAL A 66 6.13 5.68 9.54
CA VAL A 66 6.12 4.22 9.43
C VAL A 66 7.25 3.74 8.51
N ALA A 67 7.43 4.41 7.38
CA ALA A 67 8.17 3.87 6.28
C ALA A 67 9.12 4.93 5.75
N PRO A 68 10.04 5.42 6.60
CA PRO A 68 10.92 6.51 6.13
C PRO A 68 11.81 6.10 4.95
N CYS A 69 12.07 4.79 4.77
CA CYS A 69 12.88 4.39 3.64
C CYS A 69 12.15 4.65 2.32
N THR A 70 10.84 4.89 2.35
CA THR A 70 10.09 5.20 1.16
C THR A 70 10.00 6.68 0.91
N ASP A 71 10.55 7.49 1.82
CA ASP A 71 10.54 8.94 1.67
C ASP A 71 11.72 9.30 0.74
N SER A 72 11.46 9.21 -0.55
CA SER A 72 12.43 9.35 -1.60
C SER A 72 11.67 9.67 -2.85
N PRO A 73 12.32 10.22 -3.87
CA PRO A 73 11.64 10.41 -5.15
C PRO A 73 11.13 9.10 -5.76
N GLU A 74 11.81 7.99 -5.47
CA GLU A 74 11.49 6.71 -6.07
C GLU A 74 10.20 6.07 -5.56
N PHE A 75 9.68 6.54 -4.44
CA PHE A 75 8.49 5.95 -3.88
C PHE A 75 7.55 7.08 -3.52
N TYR A 76 7.85 7.80 -2.44
CA TYR A 76 7.03 8.98 -2.10
C TYR A 76 6.85 9.99 -3.23
N GLY A 77 7.92 10.22 -4.00
CA GLY A 77 7.81 11.14 -5.11
C GLY A 77 6.78 10.69 -6.13
N LYS A 78 6.73 9.38 -6.41
CA LYS A 78 5.73 8.84 -7.33
C LYS A 78 4.33 8.95 -6.72
N PHE A 79 4.20 8.68 -5.44
CA PHE A 79 2.93 8.79 -4.78
C PHE A 79 2.42 10.20 -4.89
N LYS A 80 3.24 11.17 -4.52
CA LYS A 80 2.70 12.52 -4.42
C LYS A 80 2.40 13.09 -5.80
N GLU A 81 3.16 12.71 -6.83
CA GLU A 81 2.84 13.09 -8.19
C GLU A 81 1.51 12.52 -8.59
N GLY A 82 1.24 11.28 -8.22
CA GLY A 82 -0.09 10.71 -8.47
C GLY A 82 -1.22 11.38 -7.71
N VAL A 83 -0.99 11.74 -6.47
CA VAL A 83 -2.02 12.43 -5.70
C VAL A 83 -2.31 13.78 -6.33
N ALA A 84 -1.26 14.49 -6.71
CA ALA A 84 -1.38 15.83 -7.30
C ALA A 84 -2.11 15.80 -8.62
N SER A 85 -1.82 14.76 -9.41
CA SER A 85 -2.41 14.62 -10.74
C SER A 85 -3.80 14.01 -10.73
N GLY A 86 -4.14 13.28 -9.67
CA GLY A 86 -5.34 12.47 -9.61
C GLY A 86 -5.41 11.16 -10.40
N ASN A 87 -4.27 10.53 -10.79
CA ASN A 87 -4.34 9.28 -11.63
C ASN A 87 -3.25 8.18 -11.49
N LEU A 88 -2.99 7.82 -10.28
CA LEU A 88 -1.83 7.03 -9.97
C LEU A 88 -1.96 5.56 -10.36
N ASN A 89 -0.95 5.03 -11.06
CA ASN A 89 -0.91 3.61 -11.38
C ASN A 89 0.54 3.33 -11.72
N THR A 90 1.32 2.87 -10.74
CA THR A 90 2.73 2.68 -10.96
C THR A 90 3.19 1.49 -10.20
N MET A 91 4.11 0.73 -10.78
CA MET A 91 4.61 -0.48 -10.18
C MET A 91 6.13 -0.49 -10.27
N PHE A 92 6.79 -0.90 -9.20
CA PHE A 92 8.24 -0.92 -9.14
C PHE A 92 8.67 -1.79 -8.00
N GLU A 93 9.86 -2.34 -8.10
CA GLU A 93 10.47 -3.02 -6.99
C GLU A 93 11.12 -2.04 -6.02
N TYR A 94 11.24 -2.46 -4.76
CA TYR A 94 11.75 -1.61 -3.72
C TYR A 94 12.24 -2.49 -2.58
N THR A 95 13.14 -1.98 -1.75
CA THR A 95 13.60 -2.69 -0.57
C THR A 95 13.17 -1.97 0.67
N PHE A 96 12.49 -2.70 1.52
CA PHE A 96 12.08 -2.18 2.83
C PHE A 96 13.08 -2.57 3.88
N ASP A 97 13.64 -1.58 4.58
CA ASP A 97 14.78 -1.83 5.47
C ASP A 97 14.78 -1.09 6.77
N TYR A 98 13.64 -0.48 7.12
CA TYR A 98 13.60 0.30 8.37
C TYR A 98 13.18 -0.58 9.52
N GLN A 99 14.12 -0.76 10.46
CA GLN A 99 13.92 -1.57 11.67
C GLN A 99 13.45 -2.97 11.34
N MET A 100 14.02 -3.51 10.28
CA MET A 100 13.64 -4.83 9.81
C MET A 100 14.75 -5.35 8.92
N THR A 101 14.82 -6.67 8.77
CA THR A 101 15.67 -7.27 7.76
C THR A 101 15.30 -6.74 6.40
N PRO A 102 16.28 -6.28 5.62
CA PRO A 102 15.92 -5.76 4.28
C PRO A 102 15.16 -6.78 3.49
N THR A 103 14.04 -6.35 2.92
CA THR A 103 13.10 -7.24 2.27
C THR A 103 12.76 -6.62 0.93
N LYS A 104 13.09 -7.32 -0.15
CA LYS A 104 12.78 -6.87 -1.49
C LYS A 104 11.35 -7.23 -1.84
N VAL A 105 10.63 -6.22 -2.38
CA VAL A 105 9.22 -6.37 -2.74
C VAL A 105 8.95 -5.76 -4.09
N LYS A 106 7.79 -6.10 -4.61
CA LYS A 106 7.17 -5.37 -5.73
C LYS A 106 6.02 -4.57 -5.18
N VAL A 107 6.02 -3.29 -5.52
CA VAL A 107 5.03 -2.30 -5.06
C VAL A 107 4.19 -1.86 -6.25
N HIS A 108 2.88 -1.84 -6.06
CA HIS A 108 1.96 -1.30 -7.03
C HIS A 108 1.13 -0.27 -6.33
N MET A 109 1.23 0.99 -6.75
CA MET A 109 0.37 2.05 -6.21
C MET A 109 -0.70 2.33 -7.22
N LYS A 110 -1.94 2.47 -6.75
CA LYS A 110 -3.04 2.77 -7.66
C LYS A 110 -4.08 3.60 -6.96
N LYS A 111 -4.58 4.62 -7.65
CA LYS A 111 -5.63 5.43 -7.05
C LYS A 111 -6.85 4.57 -6.80
N ALA A 112 -7.45 4.73 -5.64
CA ALA A 112 -8.64 4.01 -5.31
C ALA A 112 -9.82 4.66 -6.00
N LEU A 113 -10.93 3.95 -5.95
CA LEU A 113 -12.20 4.53 -6.35
C LEU A 113 -12.77 5.51 -5.32
N SER A 114 -12.60 5.23 -4.03
CA SER A 114 -13.07 6.18 -2.97
C SER A 114 -12.22 7.43 -3.05
N GLY A 115 -12.87 8.60 -2.98
CA GLY A 115 -12.35 9.89 -3.53
C GLY A 115 -10.87 10.27 -3.49
N ASP A 116 -10.35 10.42 -2.25
CA ASP A 116 -8.98 10.86 -1.98
C ASP A 116 -8.27 9.75 -1.25
N SER A 117 -8.17 8.62 -1.92
CA SER A 117 -7.58 7.46 -1.32
C SER A 117 -6.79 6.73 -2.39
N TYR A 118 -5.73 6.10 -1.90
CA TYR A 118 -4.68 5.55 -2.78
C TYR A 118 -4.23 4.24 -2.24
N TRP A 119 -4.18 3.23 -3.07
CA TRP A 119 -3.71 1.94 -2.62
C TRP A 119 -2.20 1.81 -2.82
N VAL A 120 -1.58 1.12 -1.87
CA VAL A 120 -0.23 0.62 -1.98
C VAL A 120 -0.31 -0.87 -1.82
N PHE A 121 0.02 -1.61 -2.87
CA PHE A 121 -0.01 -3.06 -2.83
C PHE A 121 1.43 -3.56 -2.84
N VAL A 122 1.67 -4.65 -2.14
CA VAL A 122 3.02 -5.14 -1.96
C VAL A 122 3.03 -6.64 -2.02
N LYS A 123 4.01 -7.19 -2.74
CA LYS A 123 4.30 -8.62 -2.61
C LYS A 123 5.78 -8.87 -2.60
N ARG A 124 6.15 -10.01 -2.06
CA ARG A 124 7.54 -10.38 -2.06
C ARG A 124 8.02 -10.73 -3.46
N VAL A 125 9.31 -10.45 -3.70
CA VAL A 125 10.02 -10.89 -4.89
C VAL A 125 11.32 -11.58 -4.57
#